data_8HB1
#
_entry.id   8HB1
#
_cell.length_a   82.314
_cell.length_b   82.314
_cell.length_c   63.248
_cell.angle_alpha   90.000
_cell.angle_beta   90.000
_cell.angle_gamma   120.000
#
_symmetry.space_group_name_H-M   'P 32 2 1'
#
loop_
_entity.id
_entity.type
_entity.pdbx_description
1 polymer "RNA (5'-R(*AP*GP*AP*GP*CP*GP*UP*UP*GP*CP*GP*UP*CP*CP*GP*AP*AP*AP*GP*UP*(CBV)P*GP*CP*C)-3')"
2 polymer 'RNA (30-MER)'
3 non-polymer 'MAGNESIUM ION'
4 non-polymer 'BETA-NICOTINAMIDE RIBOSE MONOPHOSPHATE'
5 water water
#
loop_
_entity_poly.entity_id
_entity_poly.type
_entity_poly.pdbx_seq_one_letter_code
_entity_poly.pdbx_strand_id
1 'polyribonucleotide' AGAGCGUUGCGUCCGAAAGU(CBV)GCC A
2 'polyribonucleotide' GCGACACGGCUCUUUAAAAACAAAAGGAGA B
#